data_8XWB
#
_entry.id   8XWB
#
_cell.length_a   183.680
_cell.length_b   183.680
_cell.length_c   183.680
_cell.angle_alpha   90.00
_cell.angle_beta   90.00
_cell.angle_gamma   90.00
#
_symmetry.space_group_name_H-M   'F 4 3 2'
#
loop_
_entity.id
_entity.type
_entity.pdbx_description
1 polymer 'Ferritin heavy chain'
2 non-polymer 'FE (III) ION'
3 non-polymer 'MAGNESIUM ION'
4 non-polymer 'CHLORIDE ION'
5 non-polymer 'NITRIC OXIDE'
6 water water
#
_entity_poly.entity_id   1
_entity_poly.type   'polypeptide(L)'
_entity_poly.pdbx_seq_one_letter_code
;TSQVRQNYHQDSEAAINRQINLELYASYVYLSMSYYFDRDDVALKNFAKYFLHQSHEEREHAEKLMKLQNQRGGRIFLQD
IKKPDCDDWESGLNAMECALHLEKNVNQSLLELHKLATDKNDPHLCDFIETHYLNEQVKAIKELGDHVTNLRKMGAPESG
LAEYLFDKHTLG
;
_entity_poly.pdbx_strand_id   A
#
loop_
_chem_comp.id
_chem_comp.type
_chem_comp.name
_chem_comp.formula
CL non-polymer 'CHLORIDE ION' 'Cl -1'
FE non-polymer 'FE (III) ION' 'Fe 3'
MG non-polymer 'MAGNESIUM ION' 'Mg 2'
NO non-polymer 'NITRIC OXIDE' 'N O'
#
# COMPACT_ATOMS: atom_id res chain seq x y z
N THR A 1 5.36 32.27 5.02
CA THR A 1 4.24 31.45 4.54
C THR A 1 4.41 31.25 3.03
N SER A 2 4.13 30.05 2.54
CA SER A 2 4.19 29.81 1.08
C SER A 2 3.27 30.78 0.34
N GLN A 3 3.72 31.31 -0.79
CA GLN A 3 2.85 32.18 -1.62
C GLN A 3 1.66 31.42 -2.21
N VAL A 4 1.70 30.09 -2.22
CA VAL A 4 0.62 29.32 -2.87
C VAL A 4 -0.35 28.77 -1.82
N ARG A 5 0.04 28.79 -0.57
CA ARG A 5 -0.79 28.13 0.48
C ARG A 5 -2.15 28.80 0.65
N GLN A 6 -3.19 27.97 0.61
CA GLN A 6 -4.57 28.49 0.81
C GLN A 6 -5.45 27.34 1.33
N ASN A 7 -6.10 27.53 2.47
CA ASN A 7 -7.05 26.54 3.03
C ASN A 7 -6.33 25.23 3.37
N TYR A 8 -5.06 25.31 3.76
CA TYR A 8 -4.27 24.09 4.04
C TYR A 8 -3.81 24.10 5.50
N HIS A 9 -4.50 23.32 6.31
CA HIS A 9 -4.20 23.32 7.76
C HIS A 9 -2.86 22.66 8.04
N GLN A 10 -2.18 23.14 9.09
CA GLN A 10 -0.89 22.54 9.48
C GLN A 10 -1.08 21.06 9.85
N ASP A 11 -2.25 20.74 10.40
CA ASP A 11 -2.52 19.35 10.79
C ASP A 11 -2.61 18.47 9.53
N SER A 12 -3.22 19.00 8.48
CA SER A 12 -3.34 18.25 7.22
C SER A 12 -1.94 18.05 6.63
N GLU A 13 -1.11 19.09 6.67
CA GLU A 13 0.28 19.00 6.17
C GLU A 13 1.04 17.90 6.90
N ALA A 14 0.90 17.86 8.22
CA ALA A 14 1.60 16.85 9.03
C ALA A 14 1.07 15.45 8.71
N ALA A 15 -0.25 15.35 8.55
CA ALA A 15 -0.86 14.04 8.25
C ALA A 15 -0.41 13.53 6.87
N ILE A 16 -0.23 14.46 5.93
CA ILE A 16 0.26 14.07 4.57
C ILE A 16 1.69 13.54 4.69
N ASN A 17 2.52 14.18 5.51
CA ASN A 17 3.90 13.70 5.72
C ASN A 17 3.87 12.29 6.31
N ARG A 18 3.00 12.05 7.28
CA ARG A 18 2.88 10.70 7.87
C ARG A 18 2.44 9.69 6.79
N GLN A 19 1.52 10.11 5.93
CA GLN A 19 1.01 9.17 4.90
C GLN A 19 2.13 8.86 3.89
N ILE A 20 2.98 9.85 3.60
CA ILE A 20 4.14 9.59 2.69
C ILE A 20 4.99 8.46 3.29
N ASN A 21 5.23 8.53 4.59
CA ASN A 21 6.11 7.51 5.22
C ASN A 21 5.46 6.12 5.12
N LEU A 22 4.15 6.07 5.35
CA LEU A 22 3.43 4.78 5.31
C LEU A 22 3.47 4.19 3.88
N GLU A 23 3.32 5.05 2.87
CA GLU A 23 3.35 4.54 1.48
C GLU A 23 4.76 3.98 1.19
N LEU A 24 5.77 4.68 1.66
CA LEU A 24 7.15 4.20 1.44
C LEU A 24 7.36 2.90 2.20
N TYR A 25 6.80 2.82 3.40
CA TYR A 25 6.91 1.58 4.21
C TYR A 25 6.25 0.42 3.45
N ALA A 26 5.07 0.69 2.89
CA ALA A 26 4.36 -0.37 2.15
C ALA A 26 5.20 -0.81 0.94
N SER A 27 5.84 0.15 0.28
CA SER A 27 6.72 -0.22 -0.87
C SER A 27 7.80 -1.18 -0.38
N TYR A 28 8.36 -0.90 0.79
CA TYR A 28 9.48 -1.71 1.33
C TYR A 28 8.99 -3.11 1.69
N VAL A 29 7.79 -3.19 2.29
CA VAL A 29 7.21 -4.51 2.66
C VAL A 29 7.05 -5.37 1.40
N TYR A 30 6.51 -4.77 0.35
CA TYR A 30 6.26 -5.53 -0.89
C TYR A 30 7.59 -5.92 -1.54
N LEU A 31 8.60 -5.05 -1.41
CA LEU A 31 9.93 -5.38 -1.97
C LEU A 31 10.47 -6.61 -1.25
N SER A 32 10.36 -6.62 0.08
CA SER A 32 10.81 -7.79 0.87
C SER A 32 10.05 -9.05 0.43
N MET A 33 8.73 -8.93 0.33
CA MET A 33 7.92 -10.11 -0.05
C MET A 33 8.37 -10.61 -1.43
N SER A 34 8.62 -9.67 -2.35
CA SER A 34 8.96 -10.09 -3.74
C SER A 34 10.21 -10.97 -3.73
N TYR A 35 11.24 -10.52 -3.04
CA TYR A 35 12.52 -11.26 -3.12
C TYR A 35 12.47 -12.56 -2.31
N TYR A 36 11.53 -12.65 -1.38
CA TYR A 36 11.35 -13.94 -0.67
C TYR A 36 10.96 -15.01 -1.71
N PHE A 37 10.07 -14.65 -2.65
CA PHE A 37 9.58 -15.62 -3.65
C PHE A 37 10.64 -15.88 -4.72
N ASP A 38 11.70 -15.07 -4.73
CA ASP A 38 12.83 -15.22 -5.68
C ASP A 38 13.89 -16.16 -5.08
N ARG A 39 13.74 -16.51 -3.81
CA ARG A 39 14.69 -17.45 -3.19
C ARG A 39 14.63 -18.82 -3.89
N ASP A 40 15.77 -19.49 -3.95
CA ASP A 40 15.84 -20.83 -4.60
C ASP A 40 14.99 -21.85 -3.85
N ASP A 41 14.73 -21.60 -2.56
CA ASP A 41 13.98 -22.56 -1.72
C ASP A 41 12.49 -22.20 -1.66
N VAL A 42 12.05 -21.23 -2.46
CA VAL A 42 10.63 -20.82 -2.52
C VAL A 42 10.26 -20.87 -4.00
N ALA A 43 10.97 -20.09 -4.81
CA ALA A 43 10.90 -20.20 -6.28
C ALA A 43 9.51 -20.07 -6.91
N LEU A 44 8.80 -19.02 -6.56
CA LEU A 44 7.50 -18.72 -7.21
C LEU A 44 7.65 -17.38 -7.94
N LYS A 45 8.07 -17.43 -9.20
CA LYS A 45 8.43 -16.20 -9.95
C LYS A 45 7.27 -15.24 -10.14
N ASN A 46 6.04 -15.73 -10.17
CA ASN A 46 4.93 -14.81 -10.45
C ASN A 46 4.50 -14.15 -9.15
N PHE A 47 4.69 -14.83 -8.02
CA PHE A 47 4.44 -14.16 -6.73
C PHE A 47 5.45 -13.03 -6.60
N ALA A 48 6.69 -13.33 -6.99
CA ALA A 48 7.76 -12.32 -6.90
C ALA A 48 7.42 -11.12 -7.79
N LYS A 49 7.02 -11.39 -9.02
CA LYS A 49 6.67 -10.30 -9.97
C LYS A 49 5.48 -9.49 -9.43
N TYR A 50 4.48 -10.18 -8.89
CA TYR A 50 3.26 -9.50 -8.41
C TYR A 50 3.63 -8.52 -7.29
N PHE A 51 4.41 -8.99 -6.33
CA PHE A 51 4.74 -8.11 -5.18
C PHE A 51 5.70 -7.00 -5.60
N LEU A 52 6.59 -7.27 -6.54
CA LEU A 52 7.48 -6.17 -7.03
C LEU A 52 6.64 -5.08 -7.70
N HIS A 53 5.67 -5.47 -8.52
CA HIS A 53 4.78 -4.47 -9.14
C HIS A 53 4.09 -3.66 -8.05
N GLN A 54 3.60 -4.36 -7.02
CA GLN A 54 2.92 -3.66 -5.91
C GLN A 54 3.89 -2.69 -5.21
N SER A 55 5.15 -3.09 -5.05
CA SER A 55 6.16 -2.20 -4.43
C SER A 55 6.29 -0.91 -5.25
N HIS A 56 6.42 -1.08 -6.56
CA HIS A 56 6.62 0.11 -7.43
C HIS A 56 5.37 1.01 -7.37
N GLU A 57 4.20 0.40 -7.26
CA GLU A 57 2.95 1.19 -7.20
C GLU A 57 2.94 2.03 -5.93
N GLU A 58 3.37 1.45 -4.82
CA GLU A 58 3.38 2.19 -3.53
C GLU A 58 4.37 3.37 -3.61
N ARG A 59 5.49 3.18 -4.31
CA ARG A 59 6.44 4.32 -4.48
C ARG A 59 5.74 5.43 -5.26
N GLU A 60 4.97 5.07 -6.28
CA GLU A 60 4.22 6.09 -7.05
C GLU A 60 3.21 6.80 -6.13
N HIS A 61 2.55 6.04 -5.26
CA HIS A 61 1.58 6.64 -4.31
C HIS A 61 2.29 7.67 -3.43
N ALA A 62 3.50 7.33 -2.98
CA ALA A 62 4.27 8.26 -2.12
C ALA A 62 4.65 9.53 -2.89
N GLU A 63 5.15 9.34 -4.12
CA GLU A 63 5.57 10.50 -4.94
C GLU A 63 4.39 11.44 -5.19
N LYS A 64 3.19 10.90 -5.36
CA LYS A 64 2.01 11.75 -5.66
C LYS A 64 1.64 12.55 -4.41
N LEU A 65 1.87 11.98 -3.23
CA LEU A 65 1.60 12.73 -1.98
C LEU A 65 2.67 13.82 -1.80
N MET A 66 3.90 13.50 -2.21
CA MET A 66 4.98 14.51 -2.12
C MET A 66 4.65 15.68 -3.07
N LYS A 67 4.17 15.35 -4.27
CA LYS A 67 3.74 16.40 -5.22
C LYS A 67 2.61 17.23 -4.62
N LEU A 68 1.66 16.55 -3.97
CA LEU A 68 0.48 17.26 -3.37
C LEU A 68 0.99 18.25 -2.33
N GLN A 69 1.88 17.79 -1.45
CA GLN A 69 2.41 18.64 -0.36
C GLN A 69 2.93 19.95 -0.98
N ASN A 70 3.72 19.83 -2.03
CA ASN A 70 4.31 21.02 -2.70
C ASN A 70 3.21 21.84 -3.39
N GLN A 71 2.25 21.16 -4.01
CA GLN A 71 1.15 21.87 -4.71
C GLN A 71 0.41 22.75 -3.72
N ARG A 72 0.25 22.28 -2.49
CA ARG A 72 -0.57 23.03 -1.50
C ARG A 72 0.27 24.00 -0.67
N GLY A 73 1.58 23.97 -0.85
CA GLY A 73 2.45 24.92 -0.13
C GLY A 73 2.95 24.34 1.17
N GLY A 74 2.72 23.05 1.39
CA GLY A 74 3.28 22.42 2.59
C GLY A 74 4.74 22.07 2.39
N ARG A 75 5.37 21.60 3.45
CA ARG A 75 6.79 21.24 3.37
C ARG A 75 6.96 19.77 3.71
N ILE A 76 7.61 19.05 2.81
CA ILE A 76 7.85 17.61 3.02
C ILE A 76 8.83 17.41 4.20
N PHE A 77 8.45 16.54 5.13
CA PHE A 77 9.32 16.17 6.25
C PHE A 77 9.39 14.65 6.20
N LEU A 78 10.59 14.14 5.96
CA LEU A 78 10.75 12.69 5.79
C LEU A 78 11.24 12.05 7.08
N GLN A 79 10.86 10.80 7.27
CA GLN A 79 11.36 10.05 8.43
C GLN A 79 11.93 8.72 7.93
N ASP A 80 12.63 8.03 8.79
CA ASP A 80 13.16 6.69 8.43
C ASP A 80 12.07 5.77 7.90
N ILE A 81 12.44 4.94 6.93
CA ILE A 81 11.50 3.90 6.43
C ILE A 81 11.83 2.62 7.21
N LYS A 82 10.94 2.25 8.10
CA LYS A 82 11.22 1.09 8.96
C LYS A 82 11.30 -0.18 8.11
N LYS A 83 12.16 -1.09 8.54
CA LYS A 83 12.21 -2.39 7.87
C LYS A 83 10.88 -3.11 8.06
N PRO A 84 10.49 -3.98 7.13
CA PRO A 84 9.28 -4.74 7.29
C PRO A 84 9.23 -5.48 8.64
N ASP A 85 8.09 -5.35 9.30
CA ASP A 85 7.88 -6.01 10.61
C ASP A 85 7.50 -7.47 10.39
N CYS A 86 8.45 -8.42 10.51
CA CYS A 86 8.26 -9.90 10.36
C CYS A 86 8.89 -10.39 9.05
N TRP A 89 8.27 -14.82 5.54
CA TRP A 89 6.97 -14.70 4.83
C TRP A 89 6.29 -16.06 4.74
N GLU A 90 7.02 -17.17 5.00
CA GLU A 90 6.47 -18.55 5.12
C GLU A 90 5.88 -19.18 3.86
N SER A 91 4.93 -18.50 3.23
CA SER A 91 4.21 -19.13 2.10
C SER A 91 3.53 -18.06 1.25
N GLY A 92 3.05 -18.48 0.08
CA GLY A 92 2.29 -17.54 -0.76
C GLY A 92 1.04 -17.05 -0.06
N LEU A 93 0.34 -17.97 0.59
CA LEU A 93 -0.91 -17.60 1.31
C LEU A 93 -0.56 -16.59 2.41
N ASN A 94 0.47 -16.89 3.20
CA ASN A 94 0.81 -16.00 4.34
C ASN A 94 1.15 -14.60 3.82
N ALA A 95 1.91 -14.53 2.73
CA ALA A 95 2.28 -13.22 2.18
C ALA A 95 1.04 -12.47 1.70
N MET A 96 0.12 -13.18 1.04
CA MET A 96 -1.13 -12.54 0.57
C MET A 96 -1.93 -12.03 1.78
N GLU A 97 -1.96 -12.83 2.86
CA GLU A 97 -2.68 -12.42 4.07
C GLU A 97 -2.01 -11.18 4.68
N CYS A 98 -0.68 -11.16 4.71
N CYS A 98 -0.69 -11.16 4.72
CA CYS A 98 0.06 -9.99 5.26
CA CYS A 98 0.04 -10.00 5.27
C CYS A 98 -0.22 -8.77 4.39
C CYS A 98 -0.23 -8.77 4.40
N ALA A 99 -0.25 -8.96 3.07
CA ALA A 99 -0.53 -7.83 2.16
C ALA A 99 -1.95 -7.29 2.41
N LEU A 100 -2.92 -8.18 2.61
CA LEU A 100 -4.31 -7.75 2.88
C LEU A 100 -4.34 -6.90 4.15
N HIS A 101 -3.62 -7.35 5.18
CA HIS A 101 -3.58 -6.61 6.46
C HIS A 101 -2.93 -5.24 6.24
N LEU A 102 -1.83 -5.21 5.49
CA LEU A 102 -1.14 -3.94 5.19
C LEU A 102 -2.09 -2.99 4.44
N GLU A 103 -2.77 -3.48 3.42
CA GLU A 103 -3.62 -2.58 2.61
C GLU A 103 -4.79 -2.05 3.45
N LYS A 104 -5.29 -2.87 4.36
CA LYS A 104 -6.37 -2.40 5.26
C LYS A 104 -5.82 -1.36 6.24
N ASN A 105 -4.58 -1.55 6.67
CA ASN A 105 -3.98 -0.53 7.57
C ASN A 105 -3.81 0.79 6.82
N VAL A 106 -3.33 0.73 5.58
CA VAL A 106 -3.11 1.96 4.78
C VAL A 106 -4.46 2.63 4.55
N ASN A 107 -5.47 1.81 4.28
CA ASN A 107 -6.83 2.35 4.02
C ASN A 107 -7.31 3.09 5.27
N GLN A 108 -7.14 2.48 6.42
CA GLN A 108 -7.58 3.12 7.69
C GLN A 108 -6.90 4.48 7.84
N SER A 109 -5.60 4.54 7.55
CA SER A 109 -4.86 5.83 7.64
C SER A 109 -5.45 6.85 6.66
N LEU A 110 -5.80 6.40 5.47
CA LEU A 110 -6.36 7.31 4.46
C LEU A 110 -7.74 7.81 4.91
N LEU A 111 -8.53 6.93 5.50
CA LEU A 111 -9.86 7.32 6.02
C LEU A 111 -9.69 8.33 7.17
N GLU A 112 -8.68 8.14 8.02
CA GLU A 112 -8.40 9.14 9.09
C GLU A 112 -7.96 10.46 8.47
N LEU A 113 -7.17 10.40 7.40
CA LEU A 113 -6.70 11.62 6.71
C LEU A 113 -7.93 12.34 6.13
N HIS A 114 -8.85 11.57 5.56
CA HIS A 114 -10.06 12.16 4.96
C HIS A 114 -10.92 12.82 6.04
N LYS A 115 -11.05 12.16 7.19
CA LYS A 115 -11.82 12.74 8.32
C LYS A 115 -11.21 14.09 8.70
N LEU A 116 -9.89 14.14 8.76
CA LEU A 116 -9.21 15.41 9.14
C LEU A 116 -9.48 16.48 8.09
N ALA A 117 -9.33 16.10 6.82
CA ALA A 117 -9.58 17.07 5.73
C ALA A 117 -11.02 17.56 5.80
N THR A 118 -11.95 16.66 6.12
CA THR A 118 -13.37 17.04 6.21
C THR A 118 -13.56 17.98 7.40
N ASP A 119 -12.90 17.67 8.51
N ASP A 119 -12.87 17.68 8.50
CA ASP A 119 -13.01 18.51 9.74
CA ASP A 119 -13.04 18.50 9.72
C ASP A 119 -12.40 19.89 9.50
C ASP A 119 -12.38 19.89 9.53
N LYS A 120 -11.38 19.98 8.64
CA LYS A 120 -10.71 21.27 8.37
C LYS A 120 -11.30 21.93 7.11
N ASN A 121 -12.40 21.37 6.61
CA ASN A 121 -13.12 21.97 5.46
C ASN A 121 -12.14 22.17 4.31
N ASP A 122 -11.45 21.09 3.95
CA ASP A 122 -10.49 21.14 2.82
C ASP A 122 -11.02 20.22 1.71
N PRO A 123 -11.92 20.72 0.83
CA PRO A 123 -12.50 19.88 -0.18
C PRO A 123 -11.51 19.43 -1.26
N HIS A 124 -10.48 20.23 -1.50
CA HIS A 124 -9.46 19.82 -2.49
C HIS A 124 -8.78 18.56 -1.98
N LEU A 125 -8.40 18.56 -0.71
CA LEU A 125 -7.69 17.38 -0.17
C LEU A 125 -8.65 16.18 -0.12
N CYS A 126 -9.90 16.44 0.27
CA CYS A 126 -10.89 15.34 0.27
C CYS A 126 -10.97 14.71 -1.13
N ASP A 127 -11.12 15.55 -2.14
CA ASP A 127 -11.24 15.04 -3.54
C ASP A 127 -9.95 14.32 -3.95
N PHE A 128 -8.79 14.85 -3.56
CA PHE A 128 -7.50 14.20 -3.89
C PHE A 128 -7.50 12.77 -3.34
N ILE A 129 -7.85 12.65 -2.06
CA ILE A 129 -7.80 11.31 -1.40
C ILE A 129 -8.82 10.37 -2.07
N GLU A 130 -10.01 10.89 -2.32
CA GLU A 130 -11.08 10.08 -2.94
C GLU A 130 -10.68 9.69 -4.36
N THR A 131 -10.16 10.64 -5.13
CA THR A 131 -9.86 10.39 -6.56
C THR A 131 -8.66 9.46 -6.76
N HIS A 132 -7.61 9.61 -5.96
CA HIS A 132 -6.38 8.86 -6.23
C HIS A 132 -6.09 7.73 -5.26
N TYR A 133 -6.81 7.66 -4.14
CA TYR A 133 -6.42 6.66 -3.12
C TYR A 133 -7.55 5.73 -2.64
N LEU A 134 -8.75 6.26 -2.37
CA LEU A 134 -9.77 5.39 -1.70
C LEU A 134 -10.21 4.18 -2.55
N ASN A 135 -10.50 4.40 -3.83
CA ASN A 135 -11.00 3.27 -4.65
C ASN A 135 -9.83 2.34 -4.97
N GLU A 136 -8.64 2.91 -5.15
CA GLU A 136 -7.45 2.05 -5.36
C GLU A 136 -7.31 1.09 -4.17
N GLN A 137 -7.53 1.60 -2.96
CA GLN A 137 -7.44 0.74 -1.75
C GLN A 137 -8.55 -0.32 -1.79
N VAL A 138 -9.78 0.09 -2.10
CA VAL A 138 -10.89 -0.89 -2.09
C VAL A 138 -10.59 -2.00 -3.12
N LYS A 139 -10.09 -1.60 -4.28
CA LYS A 139 -9.75 -2.59 -5.34
C LYS A 139 -8.60 -3.50 -4.90
N ALA A 140 -7.57 -2.94 -4.29
CA ALA A 140 -6.43 -3.76 -3.81
C ALA A 140 -6.91 -4.76 -2.77
N ILE A 141 -7.72 -4.29 -1.83
CA ILE A 141 -8.21 -5.17 -0.73
C ILE A 141 -9.07 -6.31 -1.31
N LYS A 142 -9.94 -5.97 -2.25
CA LYS A 142 -10.82 -7.00 -2.86
C LYS A 142 -9.95 -8.05 -3.58
N GLU A 143 -8.98 -7.57 -4.34
CA GLU A 143 -8.10 -8.49 -5.11
C GLU A 143 -7.37 -9.43 -4.14
N LEU A 144 -6.81 -8.86 -3.09
CA LEU A 144 -6.02 -9.69 -2.14
C LEU A 144 -6.95 -10.67 -1.44
N GLY A 145 -8.16 -10.21 -1.11
CA GLY A 145 -9.12 -11.13 -0.49
C GLY A 145 -9.44 -12.27 -1.44
N ASP A 146 -9.64 -11.93 -2.71
CA ASP A 146 -9.92 -12.97 -3.72
C ASP A 146 -8.74 -13.95 -3.74
N HIS A 147 -7.52 -13.42 -3.73
CA HIS A 147 -6.33 -14.30 -3.83
C HIS A 147 -6.26 -15.22 -2.61
N VAL A 148 -6.43 -14.65 -1.43
CA VAL A 148 -6.40 -15.45 -0.18
C VAL A 148 -7.44 -16.57 -0.24
N THR A 149 -8.65 -16.21 -0.66
CA THR A 149 -9.75 -17.21 -0.74
C THR A 149 -9.33 -18.37 -1.66
N ASN A 150 -8.83 -18.04 -2.84
CA ASN A 150 -8.48 -19.09 -3.82
C ASN A 150 -7.38 -19.99 -3.24
N LEU A 151 -6.33 -19.37 -2.72
CA LEU A 151 -5.21 -20.18 -2.15
C LEU A 151 -5.74 -21.11 -1.04
N ARG A 152 -6.63 -20.60 -0.18
CA ARG A 152 -7.15 -21.44 0.91
C ARG A 152 -7.96 -22.59 0.32
N LYS A 153 -8.84 -22.29 -0.63
CA LYS A 153 -9.71 -23.34 -1.21
C LYS A 153 -8.86 -24.37 -1.93
N MET A 154 -7.73 -23.94 -2.49
CA MET A 154 -6.88 -24.86 -3.29
C MET A 154 -6.08 -25.79 -2.36
N GLY A 155 -5.97 -25.44 -1.07
CA GLY A 155 -5.25 -26.30 -0.12
C GLY A 155 -3.97 -25.70 0.44
N ALA A 156 -3.70 -24.44 0.15
CA ALA A 156 -2.49 -23.76 0.68
C ALA A 156 -2.65 -23.52 2.19
N PRO A 157 -1.56 -23.41 2.97
CA PRO A 157 -0.19 -23.49 2.45
C PRO A 157 0.43 -24.89 2.43
N GLU A 158 -0.32 -25.90 2.86
CA GLU A 158 0.21 -27.27 2.98
C GLU A 158 0.46 -27.85 1.58
N SER A 159 -0.40 -27.51 0.62
CA SER A 159 -0.24 -28.01 -0.76
C SER A 159 0.73 -27.10 -1.52
N GLY A 160 1.96 -27.55 -1.73
CA GLY A 160 2.89 -26.79 -2.58
C GLY A 160 2.36 -26.78 -4.01
N LEU A 161 1.62 -27.83 -4.42
CA LEU A 161 0.96 -27.82 -5.77
C LEU A 161 -0.03 -26.66 -5.91
N ALA A 162 -0.82 -26.38 -4.86
CA ALA A 162 -1.76 -25.25 -4.90
C ALA A 162 -1.02 -23.95 -5.21
N GLU A 163 0.05 -23.67 -4.45
CA GLU A 163 0.74 -22.40 -4.64
C GLU A 163 1.40 -22.35 -6.04
N TYR A 164 1.94 -23.49 -6.47
CA TYR A 164 2.55 -23.56 -7.83
C TYR A 164 1.50 -23.23 -8.90
N LEU A 165 0.33 -23.83 -8.79
CA LEU A 165 -0.69 -23.65 -9.86
C LEU A 165 -1.27 -22.23 -9.80
N PHE A 166 -1.44 -21.70 -8.60
CA PHE A 166 -1.96 -20.31 -8.46
C PHE A 166 -0.95 -19.34 -9.08
N ASP A 167 0.31 -19.58 -8.80
CA ASP A 167 1.38 -18.74 -9.40
C ASP A 167 1.23 -18.72 -10.92
N LYS A 168 0.98 -19.89 -11.51
CA LYS A 168 0.91 -19.97 -12.99
C LYS A 168 -0.40 -19.43 -13.54
N HIS A 169 -1.53 -19.81 -12.92
CA HIS A 169 -2.85 -19.50 -13.51
C HIS A 169 -3.42 -18.13 -13.12
N THR A 170 -3.15 -17.68 -11.90
CA THR A 170 -3.74 -16.39 -11.46
C THR A 170 -2.71 -15.27 -11.60
N LEU A 171 -1.48 -15.52 -11.19
CA LEU A 171 -0.48 -14.42 -11.19
C LEU A 171 0.33 -14.42 -12.49
N GLY A 172 0.16 -15.45 -13.30
CA GLY A 172 0.94 -15.55 -14.56
C GLY A 172 0.36 -14.67 -15.65
FE FE B . 2.60 -9.85 7.88
FE FE C . -1.36 -2.27 -4.98
FE FE D . -0.47 2.82 -1.31
FE FE E . -14.70 14.62 -5.21
MG MG F . 13.45 -1.29 14.37
MG MG G . -17.36 15.07 -0.59
MG MG H . -10.01 15.44 -10.40
CL CL I . -3.52 28.04 4.74
CL CL J . -3.22 -27.11 -14.53
CL CL K . -2.62 -23.75 -18.83
N NO L . 4.24 -10.30 8.01
O NO L . 5.40 -10.30 7.98
N NO M . 3.19 -8.34 8.38
O NO M . 3.73 -7.32 8.56
#